data_3JUU
#
_entry.id   3JUU
#
_cell.length_a   86.131
_cell.length_b   120.892
_cell.length_c   67.919
_cell.angle_alpha   90.00
_cell.angle_beta   101.50
_cell.angle_gamma   90.00
#
_symmetry.space_group_name_H-M   'C 1 2 1'
#
loop_
_entity.id
_entity.type
_entity.pdbx_description
1 polymer 'porphyranase B'
2 non-polymer '2-(N-MORPHOLINO)-ETHANESULFONIC ACID'
3 non-polymer 'SULFATE ION'
4 non-polymer GLYCEROL
5 water water
#
_entity_poly.entity_id   1
_entity_poly.type   'polypeptide(L)'
_entity_poly.pdbx_seq_one_letter_code
;HHHHHHGSQEAPHFKPGEDPRQPHQEWKLIENMSDEFEGKKIDEKKWQISGQGWIGRAPGLFLAENISLNNGSLQITTTM
LPEPIVKNNKTYTHGGGYVGSRNGMTYGYYECEMKANKTFMSSTFWLINEGKDRLGCDKRTTELDIQESVGQITNDADWM
KYFDQTMNSNTHSRNIPEGCEYEKGSSKGKAELGGKAYEDFHVYGVWWKSKDEIIFFLDGKMQSKVTPPADFDIEMYLRM
VVETYDWNPVPKDGGMTGSKEDRTTTYNWVRSWQLVDSKN
;
_entity_poly.pdbx_strand_id   A,B
#
loop_
_chem_comp.id
_chem_comp.type
_chem_comp.name
_chem_comp.formula
GOL non-polymer GLYCEROL 'C3 H8 O3'
MES non-polymer '2-(N-MORPHOLINO)-ETHANESULFONIC ACID' 'C6 H13 N O4 S'
SO4 non-polymer 'SULFATE ION' 'O4 S -2'
#
# COMPACT_ATOMS: atom_id res chain seq x y z
N GLU A 10 -24.68 1.95 4.66
CA GLU A 10 -24.64 3.03 5.68
C GLU A 10 -23.22 3.44 6.13
N ALA A 11 -22.18 2.78 5.58
CA ALA A 11 -20.77 3.18 5.88
C ALA A 11 -19.92 2.76 4.66
N PRO A 12 -18.67 3.29 4.52
CA PRO A 12 -17.82 2.77 3.44
C PRO A 12 -17.52 1.31 3.57
N HIS A 13 -17.09 0.70 2.47
CA HIS A 13 -16.73 -0.72 2.52
CA HIS A 13 -16.72 -0.74 2.50
C HIS A 13 -15.36 -0.90 3.14
N PHE A 14 -15.32 -1.40 4.40
CA PHE A 14 -14.04 -1.70 5.00
C PHE A 14 -14.18 -3.07 5.59
N LYS A 15 -13.20 -3.95 5.39
CA LYS A 15 -13.17 -5.27 6.04
C LYS A 15 -12.91 -5.04 7.56
N PRO A 16 -13.07 -6.10 8.37
CA PRO A 16 -12.90 -5.89 9.81
C PRO A 16 -11.45 -5.51 10.10
N GLY A 17 -11.27 -4.49 10.92
CA GLY A 17 -9.94 -4.09 11.20
C GLY A 17 -9.28 -3.15 10.23
N GLU A 18 -10.03 -2.56 9.28
CA GLU A 18 -9.46 -1.66 8.25
C GLU A 18 -10.05 -0.29 8.21
N ASP A 19 -11.14 -0.03 8.96
CA ASP A 19 -11.71 1.27 9.00
C ASP A 19 -10.74 2.25 9.70
N PRO A 20 -10.30 3.31 8.99
CA PRO A 20 -9.25 4.15 9.53
C PRO A 20 -9.79 5.25 10.42
N ARG A 21 -11.11 5.30 10.63
CA ARG A 21 -11.64 6.34 11.46
C ARG A 21 -11.24 6.07 12.91
N GLN A 22 -11.27 7.15 13.72
CA GLN A 22 -11.04 7.11 15.17
C GLN A 22 -12.37 6.93 15.82
N PRO A 23 -12.39 6.25 16.98
CA PRO A 23 -13.69 5.89 17.57
C PRO A 23 -14.71 7.03 17.78
N HIS A 24 -14.30 8.28 17.96
CA HIS A 24 -15.40 9.33 18.09
C HIS A 24 -15.75 10.07 16.79
N GLN A 25 -15.46 9.41 15.68
CA GLN A 25 -15.76 9.97 14.34
C GLN A 25 -16.74 9.10 13.66
N GLU A 26 -17.43 9.67 12.67
CA GLU A 26 -18.29 8.85 11.84
C GLU A 26 -18.19 9.26 10.37
N TRP A 27 -18.54 8.35 9.48
CA TRP A 27 -18.52 8.65 8.03
C TRP A 27 -19.91 9.11 7.63
N LYS A 28 -20.01 10.23 6.90
CA LYS A 28 -21.27 10.79 6.47
C LYS A 28 -21.31 10.87 4.92
N LEU A 29 -22.34 10.26 4.34
CA LEU A 29 -22.52 10.28 2.87
C LEU A 29 -22.62 11.66 2.32
N ILE A 30 -21.82 11.95 1.29
CA ILE A 30 -21.92 13.20 0.57
C ILE A 30 -22.95 12.91 -0.57
N GLU A 31 -24.18 13.35 -0.37
CA GLU A 31 -25.29 12.95 -1.24
C GLU A 31 -25.07 13.38 -2.67
N ASN A 32 -24.63 14.60 -2.89
CA ASN A 32 -24.48 15.08 -4.27
C ASN A 32 -23.26 14.54 -5.08
N MET A 33 -22.47 13.66 -4.41
CA MET A 33 -21.35 12.96 -5.08
C MET A 33 -21.47 11.46 -4.92
N SER A 34 -22.69 10.99 -4.66
CA SER A 34 -22.91 9.59 -4.44
C SER A 34 -24.14 9.14 -5.25
N ASP A 35 -24.14 7.91 -5.73
CA ASP A 35 -25.25 7.41 -6.57
C ASP A 35 -25.21 5.91 -6.58
N GLU A 36 -26.39 5.29 -6.34
CA GLU A 36 -26.54 3.84 -6.45
C GLU A 36 -26.96 3.48 -7.88
N PHE A 37 -27.31 4.49 -8.68
CA PHE A 37 -27.61 4.27 -10.14
C PHE A 37 -28.84 3.39 -10.35
N GLU A 38 -29.86 3.64 -9.50
CA GLU A 38 -31.15 2.93 -9.62
C GLU A 38 -31.93 3.69 -10.68
N GLY A 39 -32.89 3.05 -11.32
CA GLY A 39 -33.68 3.78 -12.30
C GLY A 39 -33.25 3.48 -13.74
N LYS A 40 -33.79 4.29 -14.65
CA LYS A 40 -33.61 4.02 -16.08
C LYS A 40 -32.68 4.98 -16.76
N LYS A 41 -32.46 6.14 -16.18
CA LYS A 41 -31.65 7.21 -16.85
C LYS A 41 -30.72 7.87 -15.82
N ILE A 42 -29.45 8.06 -16.19
CA ILE A 42 -28.52 8.70 -15.27
C ILE A 42 -29.01 10.08 -14.91
N ASP A 43 -28.78 10.47 -13.66
CA ASP A 43 -29.20 11.77 -13.17
C ASP A 43 -28.25 12.84 -13.65
N GLU A 44 -28.68 13.64 -14.64
CA GLU A 44 -27.82 14.64 -15.21
C GLU A 44 -27.79 15.93 -14.44
N LYS A 45 -28.52 16.02 -13.33
CA LYS A 45 -28.28 17.16 -12.44
C LYS A 45 -27.06 16.83 -11.54
N LYS A 46 -26.75 15.54 -11.38
CA LYS A 46 -25.62 15.13 -10.50
C LYS A 46 -24.37 14.90 -11.34
N TRP A 47 -24.59 14.36 -12.54
CA TRP A 47 -23.50 13.88 -13.39
C TRP A 47 -23.52 14.58 -14.73
N GLN A 48 -22.33 14.82 -15.28
CA GLN A 48 -22.15 15.45 -16.62
C GLN A 48 -21.67 14.33 -17.51
N ILE A 49 -22.42 14.08 -18.59
CA ILE A 49 -21.98 13.06 -19.57
C ILE A 49 -21.78 13.64 -20.99
N SER A 50 -22.09 14.93 -21.18
CA SER A 50 -21.88 15.64 -22.48
C SER A 50 -21.69 17.06 -22.10
N GLY A 51 -21.10 17.86 -23.00
CA GLY A 51 -20.85 19.29 -22.77
C GLY A 51 -19.59 19.55 -21.97
N GLN A 52 -18.96 18.48 -21.45
CA GLN A 52 -17.67 18.63 -20.72
C GLN A 52 -16.50 19.16 -21.59
N GLY A 53 -15.46 19.70 -20.93
CA GLY A 53 -14.25 20.23 -21.64
C GLY A 53 -13.54 19.12 -22.44
N TRP A 54 -13.42 17.91 -21.88
CA TRP A 54 -12.62 16.88 -22.54
C TRP A 54 -13.51 16.00 -23.43
N ILE A 55 -13.32 16.08 -24.74
CA ILE A 55 -14.17 15.28 -25.64
C ILE A 55 -13.69 13.83 -25.81
N GLY A 56 -12.49 13.51 -25.34
CA GLY A 56 -11.87 12.22 -25.58
C GLY A 56 -10.50 12.32 -26.15
N ARG A 57 -9.64 11.37 -25.79
CA ARG A 57 -8.32 11.33 -26.42
C ARG A 57 -8.49 10.58 -27.74
N ALA A 58 -8.02 11.17 -28.84
CA ALA A 58 -8.26 10.41 -30.10
C ALA A 58 -7.50 9.06 -30.03
N PRO A 59 -8.09 7.99 -30.55
CA PRO A 59 -9.27 7.95 -31.44
C PRO A 59 -10.58 7.58 -30.70
N GLY A 60 -10.64 7.69 -29.36
CA GLY A 60 -11.87 7.31 -28.61
C GLY A 60 -12.69 8.57 -28.20
N LEU A 61 -13.91 8.69 -28.74
CA LEU A 61 -14.71 9.88 -28.54
C LEU A 61 -15.72 9.52 -27.46
N PHE A 62 -15.86 10.40 -26.43
CA PHE A 62 -16.86 10.12 -25.38
C PHE A 62 -18.28 10.39 -25.87
N LEU A 63 -19.12 9.35 -25.88
CA LEU A 63 -20.51 9.53 -26.34
C LEU A 63 -21.44 9.52 -25.16
N ALA A 64 -22.37 10.46 -25.13
CA ALA A 64 -23.43 10.41 -24.10
C ALA A 64 -24.28 9.14 -24.28
N GLU A 65 -24.47 8.71 -25.56
CA GLU A 65 -25.29 7.51 -25.85
C GLU A 65 -24.67 6.23 -25.31
N ASN A 66 -23.36 6.25 -25.04
CA ASN A 66 -22.73 5.05 -24.44
C ASN A 66 -22.83 4.91 -22.94
N ILE A 67 -23.54 5.85 -22.31
CA ILE A 67 -23.85 5.81 -20.87
C ILE A 67 -25.29 5.22 -20.71
N SER A 68 -25.46 4.18 -19.91
CA SER A 68 -26.83 3.66 -19.63
C SER A 68 -26.87 3.24 -18.17
N LEU A 69 -28.10 3.05 -17.67
CA LEU A 69 -28.32 2.43 -16.36
C LEU A 69 -29.08 1.15 -16.54
N ASN A 70 -28.75 0.14 -15.77
CA ASN A 70 -29.57 -1.03 -15.75
C ASN A 70 -29.34 -1.74 -14.43
N ASN A 71 -30.41 -2.27 -13.84
CA ASN A 71 -30.28 -3.06 -12.61
C ASN A 71 -29.47 -2.42 -11.47
N GLY A 72 -29.69 -1.14 -11.24
CA GLY A 72 -28.98 -0.43 -10.15
C GLY A 72 -27.46 -0.34 -10.44
N SER A 73 -27.09 -0.20 -11.71
CA SER A 73 -25.65 0.00 -12.03
C SER A 73 -25.52 1.00 -13.17
N LEU A 74 -24.36 1.67 -13.20
CA LEU A 74 -23.99 2.53 -14.31
C LEU A 74 -23.20 1.69 -15.32
N GLN A 75 -23.48 1.84 -16.63
CA GLN A 75 -22.84 1.03 -17.67
C GLN A 75 -22.23 2.04 -18.61
N ILE A 76 -20.90 1.91 -18.84
CA ILE A 76 -20.22 2.73 -19.87
C ILE A 76 -19.71 1.74 -20.90
N THR A 77 -20.28 1.83 -22.11
CA THR A 77 -20.06 0.76 -23.08
C THR A 77 -19.16 1.27 -24.21
N THR A 78 -18.15 0.50 -24.59
CA THR A 78 -17.31 0.86 -25.73
C THR A 78 -17.94 0.43 -27.06
N THR A 79 -17.75 1.25 -28.07
CA THR A 79 -18.33 0.97 -29.41
C THR A 79 -17.37 1.30 -30.54
N MET A 80 -17.66 0.74 -31.71
CA MET A 80 -17.01 1.21 -32.92
C MET A 80 -17.94 2.35 -33.43
N LEU A 81 -17.41 3.51 -33.76
CA LEU A 81 -18.32 4.53 -34.32
C LEU A 81 -18.69 4.01 -35.77
N PRO A 82 -19.88 4.34 -36.21
CA PRO A 82 -20.33 3.78 -37.48
C PRO A 82 -19.61 4.44 -38.65
N GLU A 83 -19.10 5.66 -38.44
CA GLU A 83 -18.20 6.28 -39.39
C GLU A 83 -17.22 7.16 -38.57
N PRO A 84 -16.05 7.44 -39.10
CA PRO A 84 -15.13 8.30 -38.34
C PRO A 84 -15.66 9.73 -38.12
N ILE A 85 -15.22 10.35 -37.02
CA ILE A 85 -15.63 11.69 -36.67
C ILE A 85 -14.33 12.48 -36.50
N VAL A 86 -14.21 13.61 -37.20
CA VAL A 86 -13.01 14.42 -37.06
C VAL A 86 -13.30 15.60 -36.15
N LYS A 87 -12.53 15.72 -35.06
CA LYS A 87 -12.70 16.83 -34.14
C LYS A 87 -11.28 17.33 -33.77
N ASN A 88 -11.05 18.67 -33.76
CA ASN A 88 -9.75 19.23 -33.45
C ASN A 88 -8.65 18.65 -34.32
N ASN A 89 -8.97 18.47 -35.59
CA ASN A 89 -8.06 17.91 -36.59
C ASN A 89 -7.56 16.53 -36.30
N LYS A 90 -8.26 15.81 -35.46
CA LYS A 90 -7.90 14.39 -35.26
C LYS A 90 -9.08 13.45 -35.60
N THR A 91 -8.74 12.25 -36.09
CA THR A 91 -9.79 11.28 -36.43
C THR A 91 -10.11 10.38 -35.19
N TYR A 92 -11.38 10.30 -34.88
CA TYR A 92 -11.95 9.37 -33.87
C TYR A 92 -12.66 8.21 -34.60
N THR A 93 -12.40 6.99 -34.12
CA THR A 93 -13.00 5.82 -34.75
C THR A 93 -13.77 5.01 -33.78
N HIS A 94 -13.58 5.29 -32.47
CA HIS A 94 -14.23 4.45 -31.41
C HIS A 94 -15.03 5.34 -30.45
N GLY A 95 -16.06 4.74 -29.83
CA GLY A 95 -16.83 5.48 -28.81
C GLY A 95 -16.49 4.99 -27.42
N GLY A 96 -16.18 5.92 -26.49
CA GLY A 96 -16.08 5.56 -25.04
C GLY A 96 -17.11 6.39 -24.33
N GLY A 97 -16.85 6.77 -23.06
CA GLY A 97 -17.85 7.53 -22.36
C GLY A 97 -17.18 8.22 -21.18
N TYR A 98 -17.88 9.27 -20.72
CA TYR A 98 -17.31 10.17 -19.68
C TYR A 98 -18.45 10.46 -18.75
N VAL A 99 -18.19 10.29 -17.46
CA VAL A 99 -19.19 10.71 -16.48
C VAL A 99 -18.42 11.51 -15.41
N GLY A 100 -18.72 12.79 -15.23
CA GLY A 100 -18.07 13.62 -14.23
C GLY A 100 -19.06 14.22 -13.23
N SER A 101 -18.65 14.26 -11.95
CA SER A 101 -19.57 14.88 -10.92
C SER A 101 -19.67 16.37 -11.15
N ARG A 102 -20.89 16.91 -11.16
CA ARG A 102 -20.98 18.36 -11.33
C ARG A 102 -20.68 19.05 -9.96
N ASN A 103 -20.77 18.32 -8.86
CA ASN A 103 -20.39 18.85 -7.52
C ASN A 103 -19.03 18.29 -7.05
N GLY A 104 -18.25 19.13 -6.36
CA GLY A 104 -16.89 18.73 -5.91
C GLY A 104 -16.79 18.76 -4.38
N MET A 105 -15.65 18.29 -3.89
CA MET A 105 -15.37 18.35 -2.46
C MET A 105 -13.82 18.42 -2.27
N THR A 106 -13.41 18.87 -1.09
CA THR A 106 -11.99 18.75 -0.66
C THR A 106 -11.92 17.77 0.50
N TYR A 107 -11.08 16.74 0.35
CA TYR A 107 -10.90 15.62 1.32
C TYR A 107 -12.09 14.70 1.38
N GLY A 108 -11.91 13.55 1.99
CA GLY A 108 -12.96 12.63 2.22
C GLY A 108 -12.63 11.21 1.73
N TYR A 109 -13.61 10.29 1.74
CA TYR A 109 -13.36 8.92 1.35
C TYR A 109 -14.23 8.68 0.07
N TYR A 110 -13.65 8.09 -0.98
CA TYR A 110 -14.38 7.99 -2.26
C TYR A 110 -14.19 6.62 -2.73
N GLU A 111 -15.30 5.92 -3.00
CA GLU A 111 -15.17 4.52 -3.37
C GLU A 111 -16.19 4.17 -4.47
N CYS A 112 -15.88 3.17 -5.31
CA CYS A 112 -16.88 2.63 -6.23
C CYS A 112 -16.71 1.12 -6.30
N GLU A 113 -17.73 0.41 -6.81
CA GLU A 113 -17.62 -0.98 -7.07
C GLU A 113 -17.69 -1.14 -8.58
N MET A 114 -16.61 -1.63 -9.19
CA MET A 114 -16.51 -1.56 -10.65
C MET A 114 -16.01 -2.90 -11.18
N LYS A 115 -16.56 -3.29 -12.33
CA LYS A 115 -15.97 -4.36 -13.11
C LYS A 115 -15.51 -3.76 -14.43
N ALA A 116 -14.27 -4.03 -14.79
CA ALA A 116 -13.74 -3.38 -15.98
C ALA A 116 -14.32 -4.02 -17.26
N ASN A 117 -14.29 -3.24 -18.35
CA ASN A 117 -14.55 -3.84 -19.68
C ASN A 117 -13.37 -4.70 -20.09
N LYS A 118 -13.61 -5.67 -20.97
CA LYS A 118 -12.59 -6.60 -21.47
C LYS A 118 -12.02 -6.17 -22.86
N THR A 119 -11.85 -4.88 -23.05
CA THR A 119 -11.35 -4.32 -24.33
C THR A 119 -10.05 -3.53 -24.13
N PHE A 120 -9.47 -3.10 -25.22
CA PHE A 120 -8.23 -2.29 -25.11
C PHE A 120 -8.44 -0.89 -24.52
N MET A 121 -9.70 -0.46 -24.36
CA MET A 121 -10.06 0.86 -23.78
C MET A 121 -10.13 0.76 -22.26
N SER A 122 -9.98 1.91 -21.61
CA SER A 122 -9.81 1.95 -20.17
C SER A 122 -11.10 1.71 -19.37
N SER A 123 -10.91 1.45 -18.07
CA SER A 123 -11.99 1.52 -17.08
C SER A 123 -11.43 2.24 -15.85
N THR A 124 -11.98 3.41 -15.48
CA THR A 124 -11.25 4.27 -14.55
C THR A 124 -12.17 4.87 -13.52
N PHE A 125 -11.56 5.30 -12.43
CA PHE A 125 -12.31 5.98 -11.37
C PHE A 125 -11.28 6.92 -10.71
N TRP A 126 -11.56 8.23 -10.70
CA TRP A 126 -10.53 9.23 -10.34
C TRP A 126 -11.12 10.57 -9.95
N LEU A 127 -10.25 11.47 -9.48
CA LEU A 127 -10.66 12.81 -9.03
C LEU A 127 -9.74 13.76 -9.72
N ILE A 128 -10.23 14.94 -10.11
CA ILE A 128 -9.32 15.97 -10.62
C ILE A 128 -9.90 17.31 -10.18
N ASN A 129 -9.06 18.33 -10.04
CA ASN A 129 -9.55 19.67 -9.81
C ASN A 129 -9.88 20.28 -11.18
N GLU A 130 -10.35 21.51 -11.16
CA GLU A 130 -10.74 22.17 -12.44
C GLU A 130 -10.07 23.56 -12.43
N GLY A 131 -8.81 23.56 -12.79
CA GLY A 131 -7.89 24.65 -12.43
C GLY A 131 -8.34 25.96 -13.11
N LYS A 132 -8.94 25.89 -14.29
CA LYS A 132 -9.19 27.22 -14.92
C LYS A 132 -10.29 27.99 -14.16
N ASP A 133 -11.14 27.32 -13.37
CA ASP A 133 -12.16 28.02 -12.55
C ASP A 133 -11.67 28.45 -11.20
N ARG A 134 -10.42 28.12 -10.92
CA ARG A 134 -9.86 28.40 -9.66
C ARG A 134 -9.03 29.69 -9.76
N LEU A 135 -8.57 30.19 -8.59
CA LEU A 135 -7.86 31.46 -8.56
C LEU A 135 -6.36 31.29 -8.24
N GLY A 136 -5.51 32.19 -8.74
CA GLY A 136 -4.07 32.24 -8.35
C GLY A 136 -3.42 30.86 -8.59
N CYS A 137 -2.63 30.42 -7.61
CA CYS A 137 -1.91 29.13 -7.76
C CYS A 137 -2.83 27.87 -7.84
N ASP A 138 -4.08 27.99 -7.41
CA ASP A 138 -5.04 26.86 -7.55
C ASP A 138 -5.41 26.51 -8.96
N LYS A 139 -4.91 27.25 -9.96
CA LYS A 139 -5.09 26.90 -11.37
C LYS A 139 -4.22 25.69 -11.75
N ARG A 140 -3.22 25.35 -10.93
CA ARG A 140 -2.39 24.14 -11.14
C ARG A 140 -3.35 22.94 -11.07
N THR A 141 -2.92 21.82 -11.67
CA THR A 141 -3.72 20.60 -11.71
C THR A 141 -3.29 19.66 -10.62
N THR A 142 -4.26 19.02 -9.99
CA THR A 142 -4.01 17.95 -9.06
C THR A 142 -4.98 16.87 -9.55
N GLU A 143 -4.44 15.67 -9.80
CA GLU A 143 -5.26 14.54 -10.25
C GLU A 143 -4.96 13.38 -9.34
N LEU A 144 -6.02 12.74 -8.84
CA LEU A 144 -5.90 11.59 -7.92
C LEU A 144 -6.63 10.39 -8.62
N ASP A 145 -5.82 9.48 -9.18
CA ASP A 145 -6.35 8.26 -9.87
C ASP A 145 -6.51 7.10 -8.90
N ILE A 146 -7.74 6.62 -8.77
CA ILE A 146 -8.01 5.63 -7.78
C ILE A 146 -7.82 4.27 -8.43
N GLN A 147 -8.43 4.09 -9.62
CA GLN A 147 -8.12 2.91 -10.39
C GLN A 147 -8.10 3.26 -11.88
N GLU A 148 -7.07 2.78 -12.58
CA GLU A 148 -7.08 2.82 -14.06
C GLU A 148 -6.74 1.42 -14.50
N SER A 149 -7.52 0.92 -15.46
CA SER A 149 -7.35 -0.47 -15.91
C SER A 149 -7.57 -0.47 -17.41
N VAL A 150 -7.05 -1.51 -18.09
CA VAL A 150 -7.61 -1.89 -19.41
C VAL A 150 -7.95 -3.39 -19.34
N GLY A 151 -8.74 -3.86 -20.32
CA GLY A 151 -9.15 -5.26 -20.32
C GLY A 151 -8.30 -6.09 -21.29
N GLN A 152 -7.63 -5.48 -22.28
CA GLN A 152 -6.91 -6.22 -23.31
C GLN A 152 -5.63 -5.46 -23.57
N ILE A 153 -4.48 -6.07 -23.33
CA ILE A 153 -3.23 -5.34 -23.42
C ILE A 153 -2.71 -5.53 -24.88
N THR A 154 -2.48 -4.42 -25.58
CA THR A 154 -2.16 -4.42 -27.00
C THR A 154 -0.74 -3.87 -27.28
N ASN A 155 -0.03 -3.55 -26.23
CA ASN A 155 1.35 -3.05 -26.34
C ASN A 155 2.17 -4.11 -25.59
N ASP A 156 3.30 -4.58 -26.12
CA ASP A 156 4.10 -5.58 -25.34
C ASP A 156 5.17 -4.96 -24.43
N ALA A 157 5.13 -3.65 -24.23
CA ALA A 157 6.03 -2.98 -23.25
C ALA A 157 5.98 -3.68 -21.88
N ASP A 158 7.16 -3.92 -21.30
CA ASP A 158 7.25 -4.60 -20.03
C ASP A 158 6.52 -3.86 -18.87
N TRP A 159 6.66 -2.54 -18.79
CA TRP A 159 5.99 -1.77 -17.72
C TRP A 159 4.45 -2.08 -17.52
N MET A 160 3.78 -2.45 -18.61
CA MET A 160 2.30 -2.61 -18.57
C MET A 160 1.78 -4.04 -18.72
N LYS A 161 2.66 -5.06 -18.78
CA LYS A 161 2.17 -6.40 -19.08
C LYS A 161 1.11 -6.94 -18.07
N TYR A 162 1.07 -6.37 -16.85
CA TYR A 162 0.03 -6.82 -15.86
C TYR A 162 -1.01 -5.79 -15.58
N PHE A 163 -1.11 -4.79 -16.45
CA PHE A 163 -2.00 -3.65 -16.21
C PHE A 163 -3.48 -4.06 -16.05
N ASP A 164 -3.86 -5.21 -16.61
CA ASP A 164 -5.23 -5.70 -16.57
C ASP A 164 -5.56 -6.53 -15.32
N GLN A 165 -4.60 -6.69 -14.40
CA GLN A 165 -4.86 -7.48 -13.21
C GLN A 165 -4.35 -6.80 -11.94
N THR A 166 -4.25 -5.48 -11.96
CA THR A 166 -3.75 -4.74 -10.82
C THR A 166 -4.69 -3.56 -10.50
N MET A 167 -4.63 -3.08 -9.26
CA MET A 167 -5.12 -1.73 -8.97
C MET A 167 -3.96 -0.76 -9.21
N ASN A 168 -4.14 0.13 -10.18
CA ASN A 168 -3.12 1.04 -10.62
C ASN A 168 -3.61 2.39 -10.18
N SER A 169 -2.94 2.97 -9.16
CA SER A 169 -3.39 4.25 -8.58
C SER A 169 -2.29 5.26 -8.78
N ASN A 170 -2.65 6.53 -8.74
CA ASN A 170 -1.65 7.56 -9.07
C ASN A 170 -2.01 8.90 -8.49
N THR A 171 -1.01 9.79 -8.40
CA THR A 171 -1.30 11.19 -7.95
C THR A 171 -0.41 12.07 -8.84
N HIS A 172 -0.96 13.11 -9.44
CA HIS A 172 -0.22 13.91 -10.37
C HIS A 172 -0.31 15.37 -9.97
N SER A 173 0.80 16.08 -10.18
CA SER A 173 0.81 17.53 -10.07
C SER A 173 1.37 18.04 -11.41
N ARG A 174 0.66 18.93 -12.07
CA ARG A 174 1.13 19.50 -13.36
C ARG A 174 0.50 20.83 -13.68
N ASN A 175 0.83 21.41 -14.87
CA ASN A 175 0.20 22.72 -15.24
C ASN A 175 0.42 23.82 -14.19
N ILE A 176 1.60 23.85 -13.58
CA ILE A 176 1.73 24.74 -12.45
C ILE A 176 2.09 26.18 -12.95
N PRO A 177 1.33 27.22 -12.51
CA PRO A 177 1.63 28.57 -12.98
C PRO A 177 3.03 29.02 -12.57
N GLU A 178 3.72 29.74 -13.46
CA GLU A 178 5.07 30.22 -13.15
C GLU A 178 5.01 31.12 -11.91
N GLY A 179 6.01 30.97 -11.01
CA GLY A 179 5.98 31.64 -9.72
C GLY A 179 5.27 30.94 -8.55
N CYS A 180 4.54 29.86 -8.83
CA CYS A 180 3.84 29.15 -7.76
C CYS A 180 4.76 28.06 -7.21
N GLU A 181 4.91 27.97 -5.89
CA GLU A 181 5.91 27.09 -5.24
C GLU A 181 5.37 25.67 -5.11
N TYR A 182 5.12 25.01 -6.22
CA TYR A 182 4.64 23.62 -6.16
C TYR A 182 5.50 22.83 -7.12
N GLU A 183 5.78 21.58 -6.80
CA GLU A 183 6.52 20.70 -7.72
C GLU A 183 5.57 19.96 -8.67
N LYS A 184 6.08 19.65 -9.86
CA LYS A 184 5.40 18.81 -10.85
C LYS A 184 5.80 17.36 -10.63
N GLY A 185 4.93 16.38 -10.89
CA GLY A 185 5.45 14.99 -10.89
C GLY A 185 4.30 14.05 -10.58
N SER A 186 4.62 12.78 -10.29
CA SER A 186 3.62 11.74 -10.12
C SER A 186 4.06 10.83 -8.98
N SER A 187 3.12 10.35 -8.18
CA SER A 187 3.47 9.31 -7.20
C SER A 187 2.47 8.22 -7.30
N LYS A 188 2.92 7.03 -7.69
CA LYS A 188 2.04 5.92 -8.08
C LYS A 188 1.88 4.94 -6.94
N GLY A 189 0.82 4.13 -7.05
CA GLY A 189 0.68 2.90 -6.18
C GLY A 189 0.21 1.75 -7.07
N LYS A 190 0.59 0.51 -6.72
CA LYS A 190 0.15 -0.63 -7.51
C LYS A 190 -0.14 -1.75 -6.50
N ALA A 191 -1.22 -2.49 -6.70
CA ALA A 191 -1.50 -3.68 -5.91
C ALA A 191 -2.13 -4.79 -6.78
N GLU A 192 -2.01 -6.06 -6.37
CA GLU A 192 -2.61 -7.18 -7.16
C GLU A 192 -4.12 -7.24 -6.94
N LEU A 193 -4.87 -7.51 -8.03
CA LEU A 193 -6.32 -7.72 -7.88
C LEU A 193 -6.59 -9.15 -7.46
N GLY A 194 -5.68 -10.06 -7.82
CA GLY A 194 -6.03 -11.48 -7.59
C GLY A 194 -6.77 -12.12 -8.78
N GLY A 195 -6.91 -11.39 -9.88
CA GLY A 195 -7.70 -11.86 -11.05
C GLY A 195 -7.68 -10.69 -12.05
N LYS A 196 -8.31 -10.86 -13.22
CA LYS A 196 -8.41 -9.72 -14.16
C LYS A 196 -9.45 -8.72 -13.68
N ALA A 197 -9.22 -7.45 -14.01
CA ALA A 197 -10.14 -6.43 -13.61
C ALA A 197 -11.53 -6.61 -14.22
N TYR A 198 -11.58 -7.22 -15.42
CA TYR A 198 -12.87 -7.48 -16.04
C TYR A 198 -13.56 -8.74 -15.54
N GLU A 199 -12.89 -9.55 -14.72
CA GLU A 199 -13.50 -10.87 -14.31
C GLU A 199 -14.44 -10.73 -13.13
N ASP A 200 -14.17 -9.75 -12.27
CA ASP A 200 -14.96 -9.63 -11.03
C ASP A 200 -15.17 -8.19 -10.76
N PHE A 201 -16.22 -7.87 -9.98
CA PHE A 201 -16.29 -6.55 -9.36
C PHE A 201 -15.20 -6.42 -8.26
N HIS A 202 -14.69 -5.19 -8.11
CA HIS A 202 -13.83 -4.87 -6.95
C HIS A 202 -14.29 -3.54 -6.42
N VAL A 203 -14.01 -3.32 -5.14
CA VAL A 203 -14.28 -2.05 -4.56
C VAL A 203 -12.99 -1.23 -4.55
N TYR A 204 -12.95 -0.11 -5.27
CA TYR A 204 -11.72 0.71 -5.31
C TYR A 204 -12.02 1.95 -4.50
N GLY A 205 -11.12 2.25 -3.54
CA GLY A 205 -11.38 3.36 -2.61
C GLY A 205 -10.12 4.19 -2.37
N VAL A 206 -10.31 5.45 -2.03
CA VAL A 206 -9.21 6.29 -1.59
C VAL A 206 -9.68 7.09 -0.39
N TRP A 207 -8.84 7.10 0.66
CA TRP A 207 -9.00 8.16 1.73
C TRP A 207 -8.15 9.34 1.42
N TRP A 208 -8.78 10.39 0.88
CA TRP A 208 -8.10 11.62 0.63
C TRP A 208 -8.12 12.33 2.00
N LYS A 209 -7.14 11.99 2.85
CA LYS A 209 -7.15 12.30 4.28
C LYS A 209 -6.78 13.75 4.51
N SER A 210 -5.76 14.24 3.83
CA SER A 210 -5.28 15.63 4.00
C SER A 210 -4.58 16.06 2.75
N LYS A 211 -4.00 17.27 2.75
CA LYS A 211 -3.35 17.76 1.52
C LYS A 211 -2.12 16.89 1.18
N ASP A 212 -1.57 16.12 2.13
CA ASP A 212 -0.39 15.35 1.80
C ASP A 212 -0.47 13.87 2.19
N GLU A 213 -1.66 13.32 2.38
CA GLU A 213 -1.79 11.93 2.78
C GLU A 213 -2.93 11.33 2.01
N ILE A 214 -2.61 10.35 1.15
CA ILE A 214 -3.65 9.74 0.29
C ILE A 214 -3.50 8.27 0.58
N ILE A 215 -4.58 7.57 0.92
CA ILE A 215 -4.49 6.18 1.31
C ILE A 215 -5.44 5.37 0.46
N PHE A 216 -4.89 4.38 -0.23
CA PHE A 216 -5.73 3.62 -1.21
C PHE A 216 -6.22 2.31 -0.61
N PHE A 217 -7.45 1.90 -0.94
CA PHE A 217 -8.04 0.64 -0.43
C PHE A 217 -8.55 -0.16 -1.60
N LEU A 218 -8.44 -1.47 -1.44
CA LEU A 218 -8.97 -2.47 -2.43
C LEU A 218 -9.79 -3.50 -1.70
N ASP A 219 -11.07 -3.63 -2.09
CA ASP A 219 -11.99 -4.64 -1.51
C ASP A 219 -11.99 -4.51 0.03
N GLY A 220 -11.97 -3.26 0.48
CA GLY A 220 -12.12 -2.96 1.89
C GLY A 220 -10.89 -3.12 2.69
N LYS A 221 -9.75 -3.20 2.02
CA LYS A 221 -8.46 -3.35 2.73
C LYS A 221 -7.44 -2.28 2.30
N MET A 222 -6.75 -1.68 3.29
CA MET A 222 -5.76 -0.66 2.94
C MET A 222 -4.62 -1.29 2.16
N GLN A 223 -4.20 -0.67 1.06
CA GLN A 223 -3.13 -1.19 0.22
C GLN A 223 -1.85 -0.35 0.40
N SER A 224 -2.01 0.96 0.52
CA SER A 224 -0.85 1.84 0.42
C SER A 224 -1.18 3.23 0.90
N LYS A 225 -0.12 3.99 1.20
CA LYS A 225 -0.27 5.34 1.57
C LYS A 225 0.68 6.08 0.62
N VAL A 226 0.20 7.17 0.06
CA VAL A 226 1.05 7.91 -0.86
C VAL A 226 1.10 9.39 -0.46
N THR A 227 2.29 10.03 -0.49
CA THR A 227 2.35 11.43 -0.36
C THR A 227 2.29 11.97 -1.76
N PRO A 228 1.29 12.82 -2.05
CA PRO A 228 1.24 13.32 -3.41
C PRO A 228 2.38 14.26 -3.73
N PRO A 229 2.66 14.49 -5.02
CA PRO A 229 3.80 15.34 -5.45
C PRO A 229 3.65 16.82 -5.09
N ALA A 230 2.43 17.27 -4.80
CA ALA A 230 2.18 18.68 -4.36
C ALA A 230 0.98 18.61 -3.45
N ASP A 231 0.75 19.66 -2.65
CA ASP A 231 -0.44 19.64 -1.79
C ASP A 231 -1.78 19.41 -2.58
N PHE A 232 -2.55 18.44 -2.15
CA PHE A 232 -3.89 18.21 -2.71
C PHE A 232 -4.92 18.90 -1.80
N ASP A 233 -4.96 20.25 -1.82
CA ASP A 233 -5.88 20.95 -0.94
C ASP A 233 -6.87 21.75 -1.77
N ILE A 234 -7.07 21.33 -3.05
CA ILE A 234 -7.99 22.06 -3.98
C ILE A 234 -9.21 21.14 -4.21
N GLU A 235 -10.40 21.73 -4.27
CA GLU A 235 -11.65 20.97 -4.54
C GLU A 235 -11.51 20.10 -5.78
N MET A 236 -11.96 18.86 -5.67
CA MET A 236 -11.86 17.94 -6.82
C MET A 236 -13.21 17.32 -7.14
N TYR A 237 -13.33 16.78 -8.37
CA TYR A 237 -14.59 16.27 -8.95
C TYR A 237 -14.35 14.88 -9.39
N LEU A 238 -15.38 14.03 -9.28
CA LEU A 238 -15.28 12.62 -9.64
C LEU A 238 -15.30 12.42 -11.16
N ARG A 239 -14.65 11.34 -11.56
CA ARG A 239 -14.62 10.95 -12.98
C ARG A 239 -14.78 9.44 -13.06
N MET A 240 -15.66 8.98 -13.98
CA MET A 240 -15.69 7.56 -14.37
C MET A 240 -15.63 7.61 -15.91
N VAL A 241 -14.53 7.08 -16.47
CA VAL A 241 -14.21 7.39 -17.88
C VAL A 241 -13.72 6.13 -18.53
N VAL A 242 -14.11 5.99 -19.80
CA VAL A 242 -13.69 4.82 -20.59
C VAL A 242 -13.12 5.47 -21.86
N GLU A 243 -11.82 5.31 -22.10
CA GLU A 243 -11.12 6.15 -23.11
C GLU A 243 -10.16 5.27 -23.91
N THR A 244 -9.49 5.85 -24.91
CA THR A 244 -8.30 5.13 -25.48
C THR A 244 -7.05 5.81 -24.86
N TYR A 245 -6.09 5.00 -24.49
CA TYR A 245 -4.76 5.47 -24.11
C TYR A 245 -3.80 5.32 -25.30
N ASP A 246 -2.92 6.30 -25.53
CA ASP A 246 -1.97 6.19 -26.65
C ASP A 246 -1.08 4.98 -26.55
N TRP A 247 -0.83 4.51 -25.32
CA TRP A 247 0.12 3.43 -25.16
C TRP A 247 -0.53 2.06 -25.27
N ASN A 248 -1.87 2.04 -25.45
CA ASN A 248 -2.59 0.78 -25.66
C ASN A 248 -3.42 0.91 -26.96
N PRO A 249 -2.78 0.69 -28.10
CA PRO A 249 -3.39 1.00 -29.37
C PRO A 249 -4.50 0.02 -29.83
N VAL A 250 -5.09 0.36 -30.97
CA VAL A 250 -6.26 -0.39 -31.43
C VAL A 250 -5.78 -1.76 -31.97
N PRO A 251 -6.42 -2.90 -31.59
CA PRO A 251 -6.00 -4.23 -32.10
C PRO A 251 -6.42 -4.41 -33.57
N LYS A 252 -5.90 -5.44 -34.21
CA LYS A 252 -6.03 -5.55 -35.68
C LYS A 252 -7.47 -5.81 -36.14
N ASP A 253 -8.31 -6.34 -35.24
CA ASP A 253 -9.71 -6.59 -35.57
C ASP A 253 -10.62 -5.38 -35.23
N GLY A 254 -10.01 -4.29 -34.73
CA GLY A 254 -10.73 -3.11 -34.23
C GLY A 254 -11.04 -3.13 -32.72
N GLY A 255 -10.97 -4.29 -32.09
CA GLY A 255 -11.05 -4.39 -30.62
C GLY A 255 -12.47 -4.37 -30.09
N MET A 256 -13.48 -4.32 -30.98
CA MET A 256 -14.88 -4.20 -30.53
C MET A 256 -15.81 -5.38 -30.88
N THR A 257 -15.24 -6.57 -31.06
CA THR A 257 -16.01 -7.78 -31.42
C THR A 257 -16.64 -8.44 -30.18
N GLY A 258 -16.31 -7.98 -28.98
CA GLY A 258 -16.84 -8.61 -27.75
C GLY A 258 -18.35 -8.44 -27.59
N SER A 259 -18.94 -9.25 -26.72
CA SER A 259 -20.33 -9.04 -26.31
C SER A 259 -20.56 -7.66 -25.67
N LYS A 260 -21.82 -7.24 -25.56
CA LYS A 260 -22.11 -5.93 -24.92
C LYS A 260 -21.51 -5.96 -23.52
N GLU A 261 -21.69 -7.08 -22.80
CA GLU A 261 -21.13 -7.16 -21.43
C GLU A 261 -19.60 -6.98 -21.42
N ASP A 262 -18.91 -7.66 -22.30
CA ASP A 262 -17.44 -7.54 -22.43
C ASP A 262 -17.06 -6.12 -22.84
N ARG A 263 -17.92 -5.39 -23.60
CA ARG A 263 -17.58 -3.97 -23.96
C ARG A 263 -17.98 -2.96 -22.91
N THR A 264 -18.55 -3.41 -21.78
CA THR A 264 -19.15 -2.51 -20.82
C THR A 264 -18.33 -2.47 -19.52
N THR A 265 -18.04 -1.25 -19.06
CA THR A 265 -17.45 -1.07 -17.70
C THR A 265 -18.66 -0.81 -16.83
N THR A 266 -18.82 -1.58 -15.76
CA THR A 266 -20.04 -1.46 -14.93
C THR A 266 -19.67 -0.97 -13.52
N TYR A 267 -20.32 0.10 -13.06
CA TYR A 267 -20.13 0.60 -11.69
C TYR A 267 -21.43 0.32 -10.97
N ASN A 268 -21.43 -0.57 -9.97
CA ASN A 268 -22.65 -0.80 -9.16
C ASN A 268 -23.03 0.42 -8.30
N TRP A 269 -22.03 1.22 -7.90
CA TRP A 269 -22.34 2.37 -7.12
C TRP A 269 -21.09 3.21 -7.01
N VAL A 270 -21.29 4.49 -6.68
CA VAL A 270 -20.19 5.40 -6.26
C VAL A 270 -20.64 6.06 -4.99
N ARG A 271 -19.80 6.02 -3.96
CA ARG A 271 -20.20 6.59 -2.65
C ARG A 271 -19.07 7.43 -2.20
N SER A 272 -19.40 8.66 -1.80
CA SER A 272 -18.43 9.65 -1.37
C SER A 272 -18.82 10.08 0.05
N TRP A 273 -17.82 10.27 0.91
CA TRP A 273 -18.07 10.42 2.37
C TRP A 273 -17.12 11.44 2.93
N GLN A 274 -17.60 12.17 3.94
CA GLN A 274 -16.77 13.02 4.79
C GLN A 274 -16.67 12.34 6.18
N LEU A 275 -15.53 12.55 6.83
CA LEU A 275 -15.29 12.04 8.14
C LEU A 275 -15.58 13.22 9.08
N VAL A 276 -16.54 13.03 9.96
CA VAL A 276 -16.96 14.12 10.87
C VAL A 276 -16.86 13.67 12.34
N ASP A 277 -16.67 14.67 13.21
CA ASP A 277 -16.54 14.46 14.69
C ASP A 277 -17.89 14.39 15.40
N GLU B 10 20.58 -25.59 4.75
CA GLU B 10 19.46 -26.44 4.25
C GLU B 10 18.83 -25.63 3.13
N ALA B 11 17.60 -25.15 3.28
CA ALA B 11 16.96 -24.25 2.31
C ALA B 11 15.88 -23.45 3.10
N PRO B 12 15.37 -22.32 2.56
CA PRO B 12 14.34 -21.56 3.32
C PRO B 12 13.10 -22.43 3.52
N HIS B 13 12.25 -22.06 4.48
CA HIS B 13 11.00 -22.77 4.73
C HIS B 13 10.00 -22.49 3.64
N PHE B 14 9.74 -23.47 2.73
CA PHE B 14 8.65 -23.32 1.77
C PHE B 14 7.81 -24.58 1.80
N LYS B 15 6.50 -24.41 1.70
CA LYS B 15 5.57 -25.58 1.54
C LYS B 15 5.69 -26.07 0.07
N PRO B 16 5.22 -27.29 -0.20
CA PRO B 16 5.27 -27.76 -1.62
C PRO B 16 4.76 -26.80 -2.65
N GLY B 17 5.53 -26.58 -3.74
CA GLY B 17 5.06 -25.72 -4.78
C GLY B 17 5.24 -24.23 -4.51
N GLU B 18 5.78 -23.89 -3.33
CA GLU B 18 5.89 -22.44 -2.96
C GLU B 18 7.30 -21.86 -3.13
N ASP B 19 8.30 -22.74 -3.16
CA ASP B 19 9.68 -22.31 -3.34
C ASP B 19 9.82 -21.63 -4.68
N PRO B 20 10.15 -20.30 -4.69
CA PRO B 20 10.22 -19.66 -5.99
C PRO B 20 11.49 -19.90 -6.81
N ARG B 21 12.42 -20.75 -6.36
CA ARG B 21 13.54 -21.22 -7.20
C ARG B 21 13.08 -21.37 -8.66
N GLN B 22 14.03 -21.39 -9.61
CA GLN B 22 13.79 -21.94 -10.97
C GLN B 22 14.82 -23.07 -11.02
N PRO B 23 14.76 -24.01 -11.98
CA PRO B 23 15.84 -25.07 -11.87
C PRO B 23 17.25 -24.54 -12.24
N HIS B 24 18.34 -25.20 -11.87
CA HIS B 24 19.68 -24.64 -12.14
C HIS B 24 20.00 -23.51 -11.18
N GLN B 25 19.05 -23.20 -10.19
CA GLN B 25 19.22 -22.13 -9.15
C GLN B 25 19.24 -22.72 -7.74
N GLU B 26 19.88 -22.22 -6.85
CA GLU B 26 19.83 -22.76 -5.48
C GLU B 26 19.97 -21.68 -4.45
N TRP B 27 19.38 -21.95 -3.28
CA TRP B 27 19.53 -21.04 -2.11
C TRP B 27 20.84 -21.22 -1.37
N LYS B 28 21.53 -20.12 -1.10
CA LYS B 28 22.80 -20.18 -0.39
C LYS B 28 22.67 -19.33 0.87
N LEU B 29 22.94 -19.92 2.02
CA LEU B 29 22.88 -19.17 3.27
C LEU B 29 23.91 -18.00 3.32
N ILE B 30 23.51 -16.83 3.75
CA ILE B 30 24.43 -15.70 3.91
C ILE B 30 24.80 -15.83 5.39
N GLU B 31 26.00 -16.36 5.66
CA GLU B 31 26.37 -16.78 7.01
C GLU B 31 26.39 -15.60 7.99
N ASN B 32 26.76 -14.42 7.50
CA ASN B 32 26.95 -13.34 8.46
C ASN B 32 25.66 -12.57 8.74
N MET B 33 24.56 -13.04 8.15
CA MET B 33 23.23 -12.46 8.48
C MET B 33 22.26 -13.57 8.92
N SER B 34 22.83 -14.69 9.41
CA SER B 34 22.04 -15.84 9.81
C SER B 34 22.57 -16.28 11.16
N ASP B 35 21.67 -16.85 11.97
CA ASP B 35 22.03 -17.30 13.35
C ASP B 35 20.97 -18.23 13.88
N GLU B 36 21.41 -19.36 14.46
CA GLU B 36 20.55 -20.29 15.15
C GLU B 36 20.46 -19.97 16.64
N PHE B 37 21.33 -19.07 17.10
CA PHE B 37 21.29 -18.57 18.49
C PHE B 37 21.56 -19.72 19.48
N GLU B 38 22.48 -20.61 19.10
CA GLU B 38 22.89 -21.71 19.96
CA GLU B 38 22.83 -21.72 20.00
C GLU B 38 23.88 -21.33 21.05
N GLY B 39 24.56 -20.18 20.92
CA GLY B 39 25.56 -19.84 22.01
C GLY B 39 25.12 -19.71 23.51
N LYS B 40 26.04 -19.31 24.40
CA LYS B 40 25.62 -18.88 25.74
C LYS B 40 25.17 -17.39 25.71
N LYS B 41 25.84 -16.63 24.85
CA LYS B 41 25.56 -15.22 24.71
C LYS B 41 25.54 -14.82 23.24
N ILE B 42 24.74 -13.80 22.97
CA ILE B 42 24.59 -13.36 21.59
C ILE B 42 25.93 -13.01 20.98
N ASP B 43 26.09 -13.37 19.73
CA ASP B 43 27.34 -13.12 19.01
C ASP B 43 27.33 -11.64 18.58
N GLU B 44 28.13 -10.81 19.26
CA GLU B 44 28.19 -9.39 18.96
C GLU B 44 29.21 -9.02 17.93
N LYS B 45 29.93 -10.01 17.38
CA LYS B 45 30.64 -9.74 16.13
C LYS B 45 29.59 -9.65 14.98
N LYS B 46 28.46 -10.35 15.10
CA LYS B 46 27.48 -10.42 14.04
C LYS B 46 26.30 -9.46 14.28
N TRP B 47 25.97 -9.26 15.55
CA TRP B 47 24.83 -8.43 15.93
C TRP B 47 25.21 -7.28 16.83
N GLN B 48 24.48 -6.18 16.71
CA GLN B 48 24.61 -5.03 17.57
C GLN B 48 23.38 -4.90 18.50
N ILE B 49 23.64 -4.80 19.82
CA ILE B 49 22.56 -4.70 20.79
C ILE B 49 22.68 -3.43 21.69
N SER B 50 23.77 -2.68 21.54
CA SER B 50 23.92 -1.37 22.20
C SER B 50 24.86 -0.54 21.34
N GLY B 51 24.81 0.76 21.57
CA GLY B 51 25.65 1.71 20.84
C GLY B 51 25.02 2.12 19.49
N GLN B 52 23.87 1.54 19.11
CA GLN B 52 23.17 1.82 17.81
C GLN B 52 22.58 3.23 17.88
N GLY B 53 22.24 3.79 16.71
CA GLY B 53 21.68 5.13 16.69
C GLY B 53 20.34 5.28 17.38
N TRP B 54 19.46 4.28 17.31
CA TRP B 54 18.11 4.48 17.80
C TRP B 54 18.07 3.91 19.23
N ILE B 55 17.79 4.76 20.22
CA ILE B 55 17.83 4.30 21.61
C ILE B 55 16.49 3.75 22.03
N GLY B 56 15.50 3.91 21.17
CA GLY B 56 14.11 3.53 21.50
C GLY B 56 13.11 4.65 21.26
N ARG B 57 11.89 4.28 20.92
CA ARG B 57 10.77 5.26 20.85
C ARG B 57 10.17 5.39 22.26
N ALA B 58 10.22 6.59 22.81
CA ALA B 58 9.65 6.78 24.16
C ALA B 58 8.15 6.27 24.24
N PRO B 59 7.77 5.60 25.33
CA PRO B 59 8.55 5.45 26.57
C PRO B 59 9.36 4.17 26.66
N GLY B 60 9.59 3.46 25.54
CA GLY B 60 10.35 2.18 25.65
C GLY B 60 11.82 2.26 25.23
N LEU B 61 12.72 2.02 26.20
CA LEU B 61 14.16 2.21 25.99
C LEU B 61 14.80 0.87 25.72
N PHE B 62 15.59 0.77 24.64
CA PHE B 62 16.19 -0.53 24.33
C PHE B 62 17.33 -0.85 25.32
N LEU B 63 17.21 -1.94 26.07
CA LEU B 63 18.25 -2.32 27.07
C LEU B 63 19.11 -3.50 26.53
N ALA B 64 20.45 -3.39 26.55
CA ALA B 64 21.20 -4.57 26.10
C ALA B 64 20.94 -5.73 27.09
N GLU B 65 20.65 -5.40 28.37
CA GLU B 65 20.40 -6.44 29.41
C GLU B 65 19.12 -7.23 29.08
N ASN B 66 18.27 -6.69 28.20
CA ASN B 66 17.01 -7.43 27.92
C ASN B 66 17.17 -8.39 26.74
N ILE B 67 18.41 -8.56 26.28
CA ILE B 67 18.76 -9.57 25.23
C ILE B 67 19.40 -10.78 25.93
N SER B 68 18.92 -11.99 25.59
CA SER B 68 19.58 -13.19 26.12
C SER B 68 19.39 -14.31 25.13
N LEU B 69 20.22 -15.35 25.25
CA LEU B 69 20.06 -16.58 24.45
C LEU B 69 19.64 -17.69 25.44
N ASN B 70 18.69 -18.49 25.05
CA ASN B 70 18.35 -19.66 25.85
C ASN B 70 17.66 -20.67 24.97
N ASN B 71 17.97 -21.95 25.17
CA ASN B 71 17.26 -23.03 24.46
C ASN B 71 17.35 -22.94 22.92
N GLY B 72 18.50 -22.49 22.43
CA GLY B 72 18.77 -22.37 20.99
C GLY B 72 17.93 -21.25 20.40
N SER B 73 17.63 -20.23 21.20
CA SER B 73 16.86 -19.06 20.66
C SER B 73 17.34 -17.73 21.24
N LEU B 74 16.95 -16.66 20.52
CA LEU B 74 17.23 -15.30 20.98
C LEU B 74 15.97 -14.90 21.70
N GLN B 75 16.12 -14.37 22.90
CA GLN B 75 14.99 -13.86 23.69
C GLN B 75 15.17 -12.36 23.90
N ILE B 76 14.14 -11.58 23.52
CA ILE B 76 14.15 -10.15 23.83
C ILE B 76 13.01 -9.92 24.80
N THR B 77 13.35 -9.44 26.01
CA THR B 77 12.37 -9.38 27.08
C THR B 77 11.97 -7.95 27.42
N THR B 78 10.76 -7.83 27.93
CA THR B 78 10.24 -6.49 28.27
C THR B 78 10.33 -6.34 29.80
N THR B 79 10.61 -5.11 30.26
CA THR B 79 10.67 -4.82 31.69
C THR B 79 10.12 -3.44 31.98
N MET B 80 9.80 -3.20 33.26
CA MET B 80 9.57 -1.84 33.68
C MET B 80 10.90 -1.28 34.11
N LEU B 81 11.24 -0.03 33.77
CA LEU B 81 12.51 0.45 34.25
C LEU B 81 12.48 0.77 35.76
N PRO B 82 13.65 0.80 36.42
CA PRO B 82 13.64 1.10 37.88
C PRO B 82 13.16 2.51 38.22
N GLU B 83 13.31 3.46 37.29
CA GLU B 83 12.80 4.81 37.47
C GLU B 83 12.51 5.36 36.09
N PRO B 84 11.47 6.19 35.95
CA PRO B 84 11.36 6.98 34.70
C PRO B 84 12.63 7.78 34.50
N ILE B 85 13.14 7.85 33.27
CA ILE B 85 14.38 8.63 33.07
C ILE B 85 14.22 9.34 31.76
N VAL B 86 14.96 10.43 31.60
CA VAL B 86 14.81 11.27 30.40
C VAL B 86 16.07 11.13 29.59
N LYS B 87 15.92 10.73 28.33
CA LYS B 87 17.07 10.69 27.40
C LYS B 87 16.65 11.34 26.10
N ASN B 88 17.53 12.14 25.46
CA ASN B 88 17.15 12.81 24.20
C ASN B 88 15.82 13.54 24.30
N ASN B 89 15.66 14.22 25.46
CA ASN B 89 14.51 15.00 25.76
C ASN B 89 13.18 14.26 25.79
N LYS B 90 13.25 12.95 26.03
CA LYS B 90 12.00 12.15 26.07
C LYS B 90 12.02 11.28 27.35
N THR B 91 10.83 10.97 27.89
CA THR B 91 10.75 10.21 29.12
C THR B 91 10.55 8.71 28.76
N TYR B 92 11.34 7.87 29.41
CA TYR B 92 11.27 6.46 29.22
C TYR B 92 10.89 5.81 30.56
N THR B 93 10.03 4.80 30.48
CA THR B 93 9.53 4.11 31.69
C THR B 93 9.66 2.59 31.58
N HIS B 94 9.83 2.09 30.36
CA HIS B 94 9.82 0.60 30.06
C HIS B 94 11.07 0.22 29.32
N GLY B 95 11.49 -1.04 29.45
CA GLY B 95 12.71 -1.55 28.76
C GLY B 95 12.26 -2.54 27.68
N GLY B 96 12.71 -2.32 26.44
CA GLY B 96 12.59 -3.27 25.33
C GLY B 96 13.97 -3.68 24.93
N GLY B 97 14.17 -3.99 23.63
CA GLY B 97 15.50 -4.44 23.24
C GLY B 97 15.65 -4.30 21.73
N TYR B 98 16.90 -4.16 21.30
CA TYR B 98 17.23 -3.96 19.86
C TYR B 98 18.31 -4.91 19.46
N VAL B 99 18.16 -5.58 18.31
CA VAL B 99 19.24 -6.41 17.76
C VAL B 99 19.29 -6.09 16.27
N GLY B 100 20.46 -5.64 15.78
CA GLY B 100 20.59 -5.15 14.37
C GLY B 100 21.77 -5.93 13.76
N SER B 101 21.63 -6.34 12.52
CA SER B 101 22.81 -7.04 11.93
C SER B 101 23.94 -6.01 11.61
N ARG B 102 25.19 -6.40 11.88
CA ARG B 102 26.31 -5.50 11.57
C ARG B 102 26.63 -5.54 10.06
N ASN B 103 26.23 -6.62 9.39
CA ASN B 103 26.49 -6.72 7.94
C ASN B 103 25.16 -6.64 7.22
N GLY B 104 25.20 -6.16 5.95
CA GLY B 104 23.98 -5.95 5.15
C GLY B 104 24.07 -6.61 3.81
N MET B 105 22.98 -6.51 3.04
CA MET B 105 22.94 -7.21 1.76
C MET B 105 21.87 -6.48 0.93
N THR B 106 21.94 -6.66 -0.40
CA THR B 106 20.88 -6.15 -1.23
C THR B 106 20.27 -7.35 -1.88
N TYR B 107 18.93 -7.44 -1.80
CA TYR B 107 18.06 -8.52 -2.33
C TYR B 107 18.33 -9.77 -1.52
N GLY B 108 17.48 -10.74 -1.76
CA GLY B 108 17.66 -12.03 -1.09
C GLY B 108 16.34 -12.51 -0.48
N TYR B 109 16.43 -13.62 0.27
CA TYR B 109 15.26 -14.17 0.97
C TYR B 109 15.58 -14.12 2.47
N TYR B 110 14.70 -13.49 3.28
CA TYR B 110 15.01 -13.33 4.71
C TYR B 110 13.87 -13.90 5.53
N GLU B 111 14.18 -14.78 6.50
CA GLU B 111 13.07 -15.42 7.25
C GLU B 111 13.51 -15.61 8.74
N CYS B 112 12.54 -15.62 9.63
CA CYS B 112 12.83 -15.89 11.05
C CYS B 112 11.67 -16.78 11.56
N GLU B 113 11.92 -17.53 12.62
CA GLU B 113 10.84 -18.28 13.29
C GLU B 113 10.64 -17.60 14.64
N MET B 114 9.47 -16.94 14.85
CA MET B 114 9.32 -16.09 16.02
C MET B 114 7.99 -16.32 16.65
N LYS B 115 7.99 -16.20 17.97
CA LYS B 115 6.77 -16.20 18.80
C LYS B 115 6.74 -14.82 19.48
N ALA B 116 5.64 -14.07 19.28
CA ALA B 116 5.58 -12.69 19.80
C ALA B 116 5.43 -12.68 21.32
N ASN B 117 5.89 -11.60 21.97
CA ASN B 117 5.52 -11.44 23.36
C ASN B 117 4.05 -11.13 23.51
N LYS B 118 3.49 -11.36 24.72
CA LYS B 118 2.02 -11.16 24.93
C LYS B 118 1.84 -9.84 25.65
N THR B 119 2.64 -8.80 25.34
CA THR B 119 2.49 -7.46 25.97
C THR B 119 2.04 -6.40 24.96
N PHE B 120 1.84 -5.16 25.43
CA PHE B 120 1.48 -4.07 24.54
C PHE B 120 2.68 -3.65 23.62
N MET B 121 3.90 -4.16 23.93
CA MET B 121 5.09 -3.83 23.17
C MET B 121 5.21 -4.76 21.94
N SER B 122 6.05 -4.34 21.01
CA SER B 122 6.09 -4.99 19.68
C SER B 122 6.97 -6.23 19.66
N SER B 123 6.81 -7.03 18.58
CA SER B 123 7.67 -8.16 18.25
C SER B 123 7.83 -8.02 16.75
N THR B 124 9.07 -7.76 16.32
CA THR B 124 9.32 -7.34 14.95
C THR B 124 10.53 -8.02 14.27
N PHE B 125 10.47 -8.04 12.94
CA PHE B 125 11.59 -8.56 12.10
C PHE B 125 11.53 -7.74 10.84
N TRP B 126 12.61 -7.04 10.53
CA TRP B 126 12.52 -6.09 9.39
C TRP B 126 13.92 -5.79 8.90
N LEU B 127 13.97 -4.98 7.85
CA LEU B 127 15.23 -4.59 7.18
C LEU B 127 15.17 -3.08 6.98
N ILE B 128 16.30 -2.37 7.07
CA ILE B 128 16.33 -0.94 6.71
C ILE B 128 17.73 -0.55 6.26
N ASN B 129 17.85 0.47 5.40
CA ASN B 129 19.18 0.91 4.96
C ASN B 129 19.78 1.80 6.03
N GLU B 130 21.04 2.10 5.91
CA GLU B 130 21.68 3.00 6.91
C GLU B 130 22.41 4.08 6.11
N GLY B 131 21.99 5.35 6.17
CA GLY B 131 22.85 6.43 5.65
C GLY B 131 24.15 6.36 6.44
N LYS B 132 24.21 7.09 7.54
CA LYS B 132 23.27 8.16 7.76
C LYS B 132 23.83 9.36 7.04
N ASP B 133 25.04 9.71 7.46
CA ASP B 133 25.72 10.92 7.03
C ASP B 133 26.03 10.91 5.54
N ARG B 134 25.41 10.02 4.76
CA ARG B 134 25.85 9.91 3.38
C ARG B 134 25.25 11.01 2.58
N LEU B 135 25.77 11.17 1.39
CA LEU B 135 25.36 12.25 0.57
C LEU B 135 24.72 11.58 -0.59
N GLY B 136 23.89 12.31 -1.27
CA GLY B 136 23.28 11.76 -2.47
C GLY B 136 21.86 11.30 -2.13
N CYS B 137 21.18 10.78 -3.16
CA CYS B 137 19.80 10.31 -3.00
C CYS B 137 19.80 9.07 -2.13
N ASP B 138 20.97 8.46 -1.93
CA ASP B 138 21.03 7.23 -1.11
C ASP B 138 20.80 7.51 0.36
N LYS B 139 20.69 8.78 0.74
CA LYS B 139 20.36 9.14 2.10
C LYS B 139 18.84 8.94 2.44
N ARG B 140 18.05 8.75 1.39
CA ARG B 140 16.61 8.35 1.60
C ARG B 140 16.57 7.03 2.40
N THR B 141 15.41 6.81 3.01
CA THR B 141 15.19 5.59 3.75
C THR B 141 14.32 4.61 2.96
N THR B 142 14.78 3.32 2.97
CA THR B 142 13.96 2.22 2.52
C THR B 142 13.83 1.31 3.74
N GLU B 143 12.60 1.00 4.10
CA GLU B 143 12.36 0.08 5.23
C GLU B 143 11.39 -1.02 4.78
N LEU B 144 11.78 -2.27 5.06
CA LEU B 144 11.06 -3.43 4.60
C LEU B 144 10.66 -4.19 5.87
N ASP B 145 9.39 -4.07 6.31
CA ASP B 145 8.97 -4.75 7.57
C ASP B 145 8.42 -6.12 7.18
N ILE B 146 9.01 -7.15 7.72
CA ILE B 146 8.57 -8.49 7.39
C ILE B 146 7.44 -8.91 8.34
N GLN B 147 7.64 -8.74 9.66
CA GLN B 147 6.54 -8.92 10.59
C GLN B 147 6.63 -7.85 11.62
N GLU B 148 5.46 -7.24 11.93
CA GLU B 148 5.38 -6.39 13.13
C GLU B 148 4.11 -6.82 13.85
N SER B 149 4.20 -6.99 15.16
CA SER B 149 3.05 -7.54 15.89
C SER B 149 3.01 -6.83 17.27
N VAL B 150 1.87 -6.90 17.98
CA VAL B 150 1.91 -6.63 19.44
C VAL B 150 1.09 -7.82 20.02
N GLY B 151 1.18 -8.02 21.34
CA GLY B 151 0.51 -9.13 22.02
C GLY B 151 -0.70 -8.68 22.78
N GLN B 152 -0.84 -7.39 23.05
CA GLN B 152 -2.02 -6.90 23.76
C GLN B 152 -2.36 -5.57 23.08
N ILE B 153 -3.65 -5.41 22.65
CA ILE B 153 -4.10 -4.25 21.94
C ILE B 153 -4.66 -3.30 23.01
N THR B 154 -4.21 -2.03 23.02
CA THR B 154 -4.59 -1.11 24.09
C THR B 154 -5.18 0.19 23.51
N ASN B 155 -5.40 0.21 22.19
CA ASN B 155 -6.08 1.32 21.57
C ASN B 155 -7.38 0.75 20.98
N ASP B 156 -8.47 1.49 21.13
CA ASP B 156 -9.84 1.13 20.65
C ASP B 156 -10.07 1.19 19.14
N ALA B 157 -9.24 1.95 18.47
CA ALA B 157 -9.46 2.20 17.02
C ALA B 157 -9.64 0.88 16.24
N ASP B 158 -10.49 0.90 15.23
CA ASP B 158 -10.73 -0.28 14.46
C ASP B 158 -9.49 -0.84 13.77
N TRP B 159 -8.62 0.05 13.25
CA TRP B 159 -7.51 -0.40 12.39
C TRP B 159 -6.53 -1.31 13.09
N MET B 160 -6.40 -1.26 14.39
CA MET B 160 -5.39 -2.18 14.98
C MET B 160 -6.09 -3.32 15.72
N LYS B 161 -7.38 -3.41 15.49
CA LYS B 161 -8.17 -4.37 16.27
C LYS B 161 -7.57 -5.78 16.26
N TYR B 162 -6.96 -6.20 15.16
CA TYR B 162 -6.52 -7.60 15.00
C TYR B 162 -5.05 -7.67 14.79
N PHE B 163 -4.34 -6.61 15.22
CA PHE B 163 -2.89 -6.55 15.03
C PHE B 163 -2.14 -7.63 15.74
N ASP B 164 -2.78 -8.31 16.71
CA ASP B 164 -2.14 -9.39 17.48
C ASP B 164 -2.34 -10.79 16.86
N GLN B 165 -3.06 -10.85 15.74
CA GLN B 165 -3.33 -12.17 15.13
C GLN B 165 -3.08 -12.19 13.62
N THR B 166 -2.21 -11.30 13.16
CA THR B 166 -1.93 -11.16 11.72
C THR B 166 -0.43 -11.10 11.46
N MET B 167 -0.02 -11.39 10.23
CA MET B 167 1.35 -11.08 9.81
C MET B 167 1.14 -9.68 9.18
N ASN B 168 1.83 -8.65 9.74
CA ASN B 168 1.68 -7.28 9.28
C ASN B 168 2.98 -6.91 8.62
N SER B 169 2.94 -6.79 7.31
CA SER B 169 4.19 -6.53 6.50
C SER B 169 4.03 -5.17 5.92
N ASN B 170 5.16 -4.53 5.58
CA ASN B 170 5.11 -3.19 5.00
C ASN B 170 6.41 -2.84 4.25
N THR B 171 6.32 -1.76 3.49
CA THR B 171 7.48 -1.18 2.79
C THR B 171 7.31 0.32 2.88
N HIS B 172 8.39 1.04 3.22
CA HIS B 172 8.27 2.47 3.40
C HIS B 172 9.40 3.20 2.64
N SER B 173 9.11 4.38 2.14
CA SER B 173 10.14 5.27 1.53
C SER B 173 9.94 6.62 2.18
N ARG B 174 10.99 7.17 2.76
CA ARG B 174 10.81 8.47 3.41
C ARG B 174 12.18 9.10 3.52
N ASN B 175 12.25 10.31 4.11
CA ASN B 175 13.56 11.03 4.32
C ASN B 175 14.22 11.26 2.98
N ILE B 176 13.38 11.62 2.00
CA ILE B 176 13.92 11.76 0.67
C ILE B 176 14.52 13.20 0.51
N PRO B 177 15.80 13.29 0.18
CA PRO B 177 16.41 14.64 0.03
C PRO B 177 15.74 15.44 -1.10
N GLU B 178 15.68 16.76 -0.93
CA GLU B 178 15.11 17.63 -1.98
C GLU B 178 15.85 17.43 -3.27
N GLY B 179 15.12 17.38 -4.37
CA GLY B 179 15.77 17.13 -5.66
C GLY B 179 15.72 15.69 -6.11
N CYS B 180 15.54 14.73 -5.16
CA CYS B 180 15.71 13.29 -5.47
C CYS B 180 14.36 12.83 -5.89
N GLU B 181 14.28 12.20 -7.06
CA GLU B 181 13.01 11.78 -7.67
C GLU B 181 12.51 10.42 -7.16
N TYR B 182 12.09 10.40 -5.88
CA TYR B 182 11.53 9.17 -5.32
C TYR B 182 10.26 9.53 -4.62
N GLU B 183 9.29 8.64 -4.64
CA GLU B 183 8.01 8.91 -3.97
C GLU B 183 8.22 8.59 -2.46
N LYS B 184 7.50 9.34 -1.63
CA LYS B 184 7.38 9.05 -0.19
C LYS B 184 6.08 8.33 -0.01
N GLY B 185 6.08 7.22 0.71
CA GLY B 185 4.78 6.48 0.74
C GLY B 185 5.08 5.14 1.43
N SER B 186 4.09 4.25 1.41
CA SER B 186 4.24 2.94 2.02
C SER B 186 3.31 1.99 1.25
N SER B 187 3.66 0.71 1.26
CA SER B 187 2.81 -0.26 0.54
C SER B 187 2.79 -1.56 1.37
N LYS B 188 1.63 -1.96 1.87
CA LYS B 188 1.57 -2.97 2.97
C LYS B 188 1.08 -4.34 2.51
N GLY B 189 1.26 -5.32 3.35
CA GLY B 189 0.52 -6.62 3.14
C GLY B 189 0.13 -7.15 4.50
N LYS B 190 -0.94 -7.95 4.54
CA LYS B 190 -1.47 -8.44 5.81
C LYS B 190 -1.95 -9.85 5.54
N ALA B 191 -1.64 -10.82 6.42
CA ALA B 191 -2.12 -12.17 6.24
C ALA B 191 -2.64 -12.63 7.62
N GLU B 192 -3.56 -13.58 7.63
CA GLU B 192 -4.07 -14.14 8.93
C GLU B 192 -3.12 -15.18 9.45
N LEU B 193 -2.91 -15.18 10.77
CA LEU B 193 -2.02 -16.18 11.40
C LEU B 193 -2.82 -17.45 11.76
N GLY B 194 -4.14 -17.27 11.90
CA GLY B 194 -5.03 -18.35 12.44
C GLY B 194 -4.97 -18.54 13.95
N GLY B 195 -4.27 -17.66 14.65
CA GLY B 195 -4.16 -17.68 16.10
C GLY B 195 -3.46 -16.38 16.51
N LYS B 196 -3.16 -16.24 17.81
CA LYS B 196 -2.48 -15.01 18.24
C LYS B 196 -1.01 -15.16 17.93
N ALA B 197 -0.31 -14.07 17.65
CA ALA B 197 1.14 -14.20 17.37
C ALA B 197 1.98 -14.72 18.55
N TYR B 198 1.49 -14.51 19.79
CA TYR B 198 2.20 -14.99 21.00
C TYR B 198 1.84 -16.46 21.36
N GLU B 199 0.85 -17.03 20.70
CA GLU B 199 0.43 -18.42 21.01
C GLU B 199 1.29 -19.50 20.37
N ASP B 200 1.87 -19.21 19.21
CA ASP B 200 2.66 -20.21 18.47
C ASP B 200 3.84 -19.51 17.82
N PHE B 201 4.88 -20.28 17.51
CA PHE B 201 5.87 -19.78 16.53
C PHE B 201 5.29 -19.76 15.12
N HIS B 202 5.67 -18.77 14.32
CA HIS B 202 5.41 -18.77 12.89
C HIS B 202 6.71 -18.43 12.15
N VAL B 203 6.79 -18.81 10.87
CA VAL B 203 7.93 -18.43 10.06
C VAL B 203 7.48 -17.26 9.18
N TYR B 204 8.20 -16.13 9.34
CA TYR B 204 7.86 -14.89 8.63
C TYR B 204 8.99 -14.68 7.61
N GLY B 205 8.65 -14.61 6.33
CA GLY B 205 9.70 -14.46 5.33
C GLY B 205 9.38 -13.39 4.32
N VAL B 206 10.40 -13.00 3.59
CA VAL B 206 10.23 -12.12 2.44
C VAL B 206 11.26 -12.49 1.39
N TRP B 207 10.75 -12.58 0.16
CA TRP B 207 11.67 -12.58 -0.97
C TRP B 207 11.82 -11.15 -1.47
N TRP B 208 12.96 -10.52 -1.14
CA TRP B 208 13.31 -9.18 -1.65
C TRP B 208 13.93 -9.45 -3.03
N LYS B 209 13.00 -9.54 -4.00
CA LYS B 209 13.32 -10.20 -5.28
C LYS B 209 14.11 -9.25 -6.15
N SER B 210 13.68 -8.00 -6.14
CA SER B 210 14.25 -6.95 -6.96
C SER B 210 13.90 -5.62 -6.37
N LYS B 211 14.36 -4.54 -6.99
CA LYS B 211 14.03 -3.22 -6.47
C LYS B 211 12.53 -2.87 -6.44
N ASP B 212 11.70 -3.57 -7.22
CA ASP B 212 10.27 -3.25 -7.19
C ASP B 212 9.34 -4.43 -7.03
N GLU B 213 9.87 -5.53 -6.48
CA GLU B 213 9.04 -6.73 -6.21
C GLU B 213 9.42 -7.32 -4.87
N ILE B 214 8.50 -7.23 -3.93
CA ILE B 214 8.74 -7.65 -2.53
C ILE B 214 7.61 -8.67 -2.25
N ILE B 215 7.99 -9.91 -2.05
CA ILE B 215 6.95 -10.94 -1.86
C ILE B 215 7.01 -11.54 -0.46
N PHE B 216 5.89 -11.46 0.28
CA PHE B 216 5.85 -11.94 1.66
C PHE B 216 5.38 -13.41 1.79
N PHE B 217 5.97 -14.13 2.74
CA PHE B 217 5.65 -15.54 2.97
C PHE B 217 5.31 -15.76 4.41
N LEU B 218 4.33 -16.62 4.68
CA LEU B 218 3.99 -16.96 6.07
C LEU B 218 3.95 -18.48 6.16
N ASP B 219 4.75 -19.05 7.05
CA ASP B 219 4.76 -20.49 7.33
C ASP B 219 4.94 -21.23 6.04
N GLY B 220 5.79 -20.67 5.18
CA GLY B 220 6.18 -21.33 3.95
C GLY B 220 5.30 -21.12 2.78
N LYS B 221 4.24 -20.30 2.88
CA LYS B 221 3.36 -20.00 1.76
C LYS B 221 3.32 -18.53 1.37
N MET B 222 3.33 -18.28 0.07
CA MET B 222 3.26 -16.96 -0.46
C MET B 222 1.99 -16.23 -0.11
N GLN B 223 2.07 -15.01 0.42
CA GLN B 223 0.89 -14.29 0.90
C GLN B 223 0.51 -13.08 0.03
N SER B 224 1.45 -12.24 -0.31
CA SER B 224 1.15 -11.08 -1.17
C SER B 224 2.44 -10.68 -1.90
N LYS B 225 2.25 -10.15 -3.10
CA LYS B 225 3.26 -9.55 -3.91
C LYS B 225 3.08 -8.09 -3.81
N VAL B 226 4.05 -7.45 -3.14
CA VAL B 226 3.96 -6.03 -2.89
C VAL B 226 4.87 -5.22 -3.77
N THR B 227 4.32 -4.13 -4.34
CA THR B 227 5.16 -3.13 -5.06
C THR B 227 5.50 -2.01 -4.10
N PRO B 228 6.81 -1.83 -3.79
CA PRO B 228 7.19 -0.85 -2.75
C PRO B 228 7.07 0.55 -3.37
N PRO B 229 7.03 1.60 -2.54
CA PRO B 229 6.70 2.96 -2.98
C PRO B 229 7.86 3.57 -3.79
N ALA B 230 9.07 3.01 -3.63
CA ALA B 230 10.29 3.50 -4.30
C ALA B 230 11.25 2.34 -4.48
N ASP B 231 12.31 2.52 -5.29
CA ASP B 231 13.20 1.42 -5.63
C ASP B 231 13.93 0.95 -4.35
N PHE B 232 13.84 -0.36 -4.07
CA PHE B 232 14.57 -0.92 -2.93
C PHE B 232 15.83 -1.55 -3.46
N ASP B 233 16.81 -0.68 -3.85
CA ASP B 233 18.01 -1.15 -4.46
C ASP B 233 19.22 -0.73 -3.68
N ILE B 234 18.98 -0.40 -2.42
CA ILE B 234 20.05 -0.01 -1.47
C ILE B 234 20.28 -1.14 -0.44
N GLU B 235 21.55 -1.34 -0.08
CA GLU B 235 21.89 -2.33 0.95
C GLU B 235 21.07 -2.13 2.23
N MET B 236 20.54 -3.24 2.81
CA MET B 236 19.81 -3.09 4.08
C MET B 236 20.34 -4.10 5.11
N TYR B 237 19.98 -3.83 6.36
CA TYR B 237 20.46 -4.53 7.57
C TYR B 237 19.27 -5.00 8.33
N LEU B 238 19.42 -6.14 9.00
CA LEU B 238 18.29 -6.75 9.72
C LEU B 238 18.08 -6.12 11.05
N ARG B 239 16.86 -6.25 11.54
CA ARG B 239 16.43 -5.73 12.84
C ARG B 239 15.48 -6.74 13.49
N MET B 240 15.69 -6.97 14.81
CA MET B 240 14.74 -7.73 15.64
C MET B 240 14.56 -6.85 16.84
N VAL B 241 13.39 -6.18 16.93
CA VAL B 241 13.20 -5.12 17.93
C VAL B 241 11.87 -5.30 18.67
N VAL B 242 11.90 -4.97 19.97
CA VAL B 242 10.75 -4.95 20.85
C VAL B 242 10.69 -3.52 21.38
N GLU B 243 9.62 -2.79 21.02
CA GLU B 243 9.57 -1.33 21.25
C GLU B 243 8.19 -0.98 21.74
N THR B 244 7.96 0.30 22.09
CA THR B 244 6.60 0.79 22.22
C THR B 244 6.21 1.57 20.96
N TYR B 245 4.94 1.39 20.55
CA TYR B 245 4.37 2.14 19.44
C TYR B 245 3.50 3.21 20.06
N ASP B 246 3.51 4.39 19.47
CA ASP B 246 2.66 5.50 19.97
C ASP B 246 1.19 5.16 19.92
N TRP B 247 0.82 4.38 18.94
CA TRP B 247 -0.55 4.00 18.75
C TRP B 247 -1.04 2.89 19.66
N ASN B 248 -0.13 2.24 20.41
CA ASN B 248 -0.57 1.18 21.33
C ASN B 248 -0.01 1.52 22.76
N PRO B 249 -0.73 2.37 23.48
CA PRO B 249 -0.15 2.93 24.72
C PRO B 249 0.01 1.91 25.86
N VAL B 250 0.72 2.32 26.90
CA VAL B 250 0.89 1.49 28.12
C VAL B 250 -0.48 1.23 28.72
N PRO B 251 -0.81 -0.04 28.97
CA PRO B 251 -2.09 -0.42 29.62
C PRO B 251 -2.21 0.18 31.05
N LYS B 252 -3.41 0.15 31.62
CA LYS B 252 -3.58 0.73 32.98
C LYS B 252 -2.77 0.10 34.07
N ASP B 253 -2.50 -1.21 33.93
CA ASP B 253 -1.70 -1.94 34.93
C ASP B 253 -0.20 -1.86 34.69
N GLY B 254 0.22 -1.08 33.67
CA GLY B 254 1.67 -0.88 33.35
C GLY B 254 2.13 -1.88 32.29
N GLY B 255 1.37 -2.95 32.13
CA GLY B 255 1.63 -3.92 31.06
C GLY B 255 2.66 -5.02 31.29
N MET B 256 3.32 -5.01 32.48
CA MET B 256 4.50 -5.86 32.70
C MET B 256 4.14 -6.94 33.77
N THR B 257 2.85 -7.23 33.90
CA THR B 257 2.40 -8.18 34.95
C THR B 257 2.41 -9.64 34.52
N GLY B 258 2.72 -9.92 33.26
CA GLY B 258 2.68 -11.33 32.84
C GLY B 258 3.86 -12.18 33.26
N SER B 259 3.81 -13.45 32.85
CA SER B 259 4.97 -14.34 33.02
C SER B 259 6.23 -13.93 32.24
N LYS B 260 7.37 -14.46 32.62
CA LYS B 260 8.62 -14.38 31.78
C LYS B 260 8.36 -14.72 30.29
N GLU B 261 7.65 -15.81 30.02
CA GLU B 261 7.33 -16.16 28.64
C GLU B 261 6.42 -15.04 28.01
N ASP B 262 5.38 -14.58 28.75
CA ASP B 262 4.51 -13.57 28.20
C ASP B 262 5.35 -12.31 27.88
N ARG B 263 6.32 -12.01 28.74
CA ARG B 263 7.09 -10.74 28.54
C ARG B 263 8.18 -10.85 27.48
N THR B 264 8.36 -12.01 26.88
CA THR B 264 9.52 -12.22 26.01
C THR B 264 9.11 -12.55 24.56
N THR B 265 9.77 -11.94 23.62
CA THR B 265 9.64 -12.35 22.24
C THR B 265 10.76 -13.32 21.94
N THR B 266 10.45 -14.45 21.27
CA THR B 266 11.51 -15.45 21.07
C THR B 266 11.69 -15.73 19.59
N TYR B 267 12.94 -15.75 19.15
CA TYR B 267 13.30 -16.07 17.76
C TYR B 267 14.13 -17.32 17.81
N ASN B 268 13.56 -18.45 17.34
CA ASN B 268 14.39 -19.68 17.30
C ASN B 268 15.57 -19.56 16.34
N TRP B 269 15.42 -18.76 15.29
CA TRP B 269 16.46 -18.58 14.31
C TRP B 269 16.16 -17.43 13.37
N VAL B 270 17.23 -16.92 12.74
CA VAL B 270 17.07 -15.98 11.61
C VAL B 270 17.93 -16.58 10.52
N ARG B 271 17.39 -16.68 9.31
CA ARG B 271 18.16 -17.23 8.16
C ARG B 271 18.01 -16.31 6.98
N SER B 272 19.14 -15.87 6.39
CA SER B 272 19.14 -14.96 5.27
C SER B 272 19.82 -15.71 4.13
N TRP B 273 19.25 -15.58 2.96
CA TRP B 273 19.69 -16.40 1.78
C TRP B 273 19.84 -15.55 0.58
N GLN B 274 20.75 -15.98 -0.30
CA GLN B 274 20.80 -15.49 -1.68
C GLN B 274 20.44 -16.57 -2.65
N LEU B 275 19.79 -16.22 -3.74
CA LEU B 275 19.49 -17.20 -4.79
C LEU B 275 20.61 -17.15 -5.78
N VAL B 276 21.34 -18.25 -5.99
CA VAL B 276 22.44 -18.23 -6.96
C VAL B 276 22.33 -19.30 -8.08
N ASP B 277 23.13 -19.17 -9.15
CA ASP B 277 23.30 -20.20 -10.23
C ASP B 277 23.92 -21.46 -9.63
N SER B 278 23.32 -22.65 -9.84
CA SER B 278 23.96 -23.87 -9.29
C SER B 278 25.01 -24.51 -10.21
O1 MES C . -5.30 13.61 -19.94
C2 MES C . -5.63 14.60 -20.92
C3 MES C . -7.00 15.24 -20.69
N4 MES C . -7.41 15.32 -19.31
C5 MES C . -6.91 14.44 -18.24
C6 MES C . -5.46 14.01 -18.57
C7 MES C . -8.57 16.22 -19.09
C8 MES C . -9.03 16.25 -17.60
S MES C . -10.65 16.75 -17.33
O1S MES C . -11.48 15.56 -17.31
O2S MES C . -10.95 17.51 -16.11
O3S MES C . -11.15 17.64 -18.36
S SO4 D . -23.44 -2.98 -1.23
O1 SO4 D . -23.85 -4.04 -0.32
O2 SO4 D . -24.62 -2.26 -1.73
O3 SO4 D . -22.55 -2.07 -0.49
O4 SO4 D . -22.71 -3.60 -2.36
S SO4 E . -35.62 7.04 -13.71
O1 SO4 E . -36.15 5.71 -13.33
O2 SO4 E . -36.55 7.70 -14.62
O3 SO4 E . -35.35 7.89 -12.53
O4 SO4 E . -34.37 6.91 -14.46
S SO4 F . -24.37 -1.58 -28.35
O1 SO4 F . -24.47 -3.05 -28.56
O2 SO4 F . -25.50 -1.27 -27.46
O3 SO4 F . -23.11 -1.12 -27.75
O4 SO4 F . -24.56 -0.88 -29.63
S SO4 G . -5.10 18.36 -18.24
O1 SO4 G . -5.46 17.63 -19.39
O2 SO4 G . -5.76 17.89 -17.04
O3 SO4 G . -3.63 18.38 -18.18
O4 SO4 G . -5.78 19.64 -18.34
C1 GOL H . -8.07 8.35 -16.75
O1 GOL H . -9.26 8.69 -17.50
C2 GOL H . -7.15 9.60 -16.62
O2 GOL H . -5.87 9.35 -16.04
C3 GOL H . -6.99 10.47 -17.81
O3 GOL H . -6.29 9.67 -18.79
C1 GOL I . -4.66 13.38 -23.36
O1 GOL I . -3.36 13.27 -22.79
C2 GOL I . -4.57 14.36 -24.52
O2 GOL I . -3.56 15.26 -24.15
C3 GOL I . -5.85 15.12 -24.86
O3 GOL I . -6.93 14.21 -24.97
O1 MES J . 10.79 4.71 13.37
C2 MES J . 11.57 4.12 12.31
C3 MES J . 12.88 3.47 12.80
N4 MES J . 13.64 4.52 13.49
C5 MES J . 13.03 5.47 14.43
C6 MES J . 11.49 5.63 14.24
C7 MES J . 15.13 4.45 13.31
C8 MES J . 15.41 3.15 12.51
S MES J . 17.07 2.48 12.72
O1S MES J . 17.94 2.16 11.56
O2S MES J . 17.92 3.35 13.54
O3S MES J . 16.85 1.23 13.41
S SO4 K . 10.28 13.13 4.34
O1 SO4 K . 9.98 11.91 5.14
O2 SO4 K . 9.05 13.94 4.25
O3 SO4 K . 11.34 13.84 5.03
O4 SO4 K . 10.62 12.73 2.87
S SO4 L . 10.24 -18.98 25.86
O1 SO4 L . 9.18 -19.65 25.07
O2 SO4 L . 9.65 -17.91 26.65
O3 SO4 L . 10.89 -19.91 26.83
O4 SO4 L . 11.41 -18.45 25.06
S SO4 M . 13.83 -25.78 11.40
O1 SO4 M . 13.36 -27.17 11.29
O2 SO4 M . 12.84 -25.00 12.23
O3 SO4 M . 15.18 -25.80 12.00
O4 SO4 M . 13.93 -25.32 10.00
S SO4 N . 13.99 7.09 10.55
O1 SO4 N . 14.29 5.77 9.96
O2 SO4 N . 13.72 7.14 11.93
O3 SO4 N . 15.35 7.61 10.43
O4 SO4 N . 13.02 7.96 9.85
C1 GOL O . 9.64 -1.98 13.72
C1 GOL O . 9.26 -1.66 14.00
O1 GOL O . 10.62 -1.89 14.77
O1 GOL O . 10.39 -1.70 14.89
C2 GOL O . 9.90 -0.84 12.75
C2 GOL O . 9.20 -0.26 13.38
O2 GOL O . 8.72 -0.40 12.06
O2 GOL O . 8.79 0.80 14.26
C3 GOL O . 10.62 0.26 13.53
C3 GOL O . 10.57 0.08 12.83
O3 GOL O . 9.75 1.29 13.99
O3 GOL O . 10.55 1.39 12.29
C1 GOL P . 11.55 8.38 16.40
O1 GOL P . 12.25 8.31 17.64
C2 GOL P . 10.99 7.03 16.32
O2 GOL P . 11.48 6.45 17.58
C3 GOL P . 9.48 7.12 16.22
O3 GOL P . 9.01 7.98 15.18
#